data_6TE2
#
_entry.id   6TE2
#
_cell.length_a   46.339
_cell.length_b   47.493
_cell.length_c   50.357
_cell.angle_alpha   66.812
_cell.angle_beta   89.925
_cell.angle_gamma   88.974
#
_symmetry.space_group_name_H-M   'P 1'
#
loop_
_entity.id
_entity.type
_entity.pdbx_description
1 polymer "Casein kinase II subunit alpha'"
2 non-polymer '3-[(4-pyridin-2-yl-1,3-thiazol-2-yl)amino]benzoic acid'
3 water water
#
_entity_poly.entity_id   1
_entity_poly.type   'polypeptide(L)'
_entity_poly.pdbx_seq_one_letter_code
;MGSSHHHHHHSQDPMPGPAAGSRARVYAEVNSLRSREYWDYEAHVPSWGNQDDYQLVRKLGRGKYSEVFEAINITNNERV
VVKILKPVKKKKIKREVKILENLRGGTNIIKLIDTVKDPVSKTPALVFEYINNTDFKQLYQILTDFDIRFYMYELLKALD
YCHSKGIMHRDVKPHNVMIDHQQKKLRLIDWGLAEFYHPAQEYNVRVASRYFKGPELLVDYQMYDYSLDMWSLGCMLASM
IFRREPFFHGQDNYDQLVRIAKVLGTEELYGYLKKYHIDLDPHFNDILGQHSRKRWENFIHSENRHLVSPEALDLLDKLL
RYDHQQRLTAKEAMEHPYFYPVVKEQSQPSADNAVLSSGLTAAR
;
_entity_poly.pdbx_strand_id   A
#
# COMPACT_ATOMS: atom_id res chain seq x y z
N GLY A 21 22.94 -10.02 1.59
CA GLY A 21 21.55 -9.81 1.91
C GLY A 21 20.99 -8.44 1.53
N SER A 22 19.92 -8.05 2.19
CA SER A 22 19.35 -6.72 2.01
C SER A 22 18.72 -6.33 3.34
N ARG A 23 18.77 -5.04 3.68
N ARG A 23 18.66 -5.03 3.60
CA ARG A 23 18.03 -4.48 4.82
CA ARG A 23 18.09 -4.47 4.83
C ARG A 23 17.38 -3.17 4.41
C ARG A 23 17.47 -3.13 4.52
N ALA A 24 16.31 -2.83 5.14
CA ALA A 24 15.73 -1.52 5.04
C ALA A 24 16.74 -0.45 5.45
N ARG A 25 16.68 0.72 4.78
CA ARG A 25 17.51 1.86 5.15
C ARG A 25 16.98 2.60 6.35
N VAL A 26 15.71 2.42 6.69
CA VAL A 26 15.05 3.10 7.77
C VAL A 26 14.25 2.07 8.53
N TYR A 27 14.14 2.30 9.83
N TYR A 27 14.07 2.35 9.82
CA TYR A 27 13.20 1.57 10.67
CA TYR A 27 13.25 1.53 10.73
C TYR A 27 13.59 0.09 10.71
C TYR A 27 13.58 0.07 10.61
N ALA A 28 14.87 -0.21 10.47
CA ALA A 28 15.24 -1.61 10.30
C ALA A 28 15.10 -2.39 11.58
N GLU A 29 15.46 -1.79 12.71
CA GLU A 29 15.50 -2.49 13.98
C GLU A 29 14.34 -2.14 14.86
N VAL A 30 13.34 -1.44 14.36
CA VAL A 30 12.40 -0.91 15.31
C VAL A 30 11.59 -1.99 16.03
N ASN A 31 11.30 -3.12 15.40
CA ASN A 31 10.59 -4.17 16.13
C ASN A 31 11.50 -4.84 17.15
N SER A 32 12.77 -5.05 16.82
CA SER A 32 13.66 -5.66 17.79
C SER A 32 13.90 -4.80 19.01
N LEU A 33 13.72 -3.48 18.87
CA LEU A 33 13.87 -2.54 19.96
C LEU A 33 12.65 -2.43 20.81
N ARG A 34 11.51 -3.01 20.40
CA ARG A 34 10.28 -2.98 21.17
C ARG A 34 10.12 -4.28 21.93
N SER A 35 9.19 -4.27 22.88
CA SER A 35 8.79 -5.49 23.56
C SER A 35 8.37 -6.56 22.56
N ARG A 36 8.69 -7.81 22.86
CA ARG A 36 8.25 -8.90 22.01
C ARG A 36 6.75 -8.88 21.78
N GLU A 37 5.97 -8.54 22.80
CA GLU A 37 4.53 -8.54 22.63
C GLU A 37 4.07 -7.61 21.52
N TYR A 38 4.84 -6.59 21.18
CA TYR A 38 4.45 -5.66 20.11
C TYR A 38 4.28 -6.40 18.79
N TRP A 39 5.23 -7.27 18.45
CA TRP A 39 5.30 -7.91 17.14
C TRP A 39 4.91 -9.38 17.16
N ASP A 40 4.83 -10.02 18.32
CA ASP A 40 4.51 -11.45 18.40
C ASP A 40 2.99 -11.59 18.37
N TYR A 41 2.44 -11.39 17.18
CA TYR A 41 0.99 -11.36 17.04
C TYR A 41 0.34 -12.71 17.29
N GLU A 42 1.07 -13.81 17.12
CA GLU A 42 0.48 -15.12 17.43
C GLU A 42 0.10 -15.22 18.90
N ALA A 43 0.80 -14.47 19.77
CA ALA A 43 0.52 -14.46 21.18
C ALA A 43 -0.54 -13.44 21.57
N HIS A 44 -1.04 -12.64 20.64
CA HIS A 44 -2.00 -11.62 20.98
C HIS A 44 -3.36 -12.22 21.24
N VAL A 45 -4.03 -11.73 22.28
CA VAL A 45 -5.36 -12.17 22.66
C VAL A 45 -6.27 -10.97 22.58
N PRO A 46 -6.98 -10.79 21.48
CA PRO A 46 -7.91 -9.68 21.36
C PRO A 46 -9.03 -9.78 22.39
N SER A 47 -9.62 -8.62 22.68
N SER A 47 -9.62 -8.62 22.68
CA SER A 47 -10.83 -8.54 23.48
CA SER A 47 -10.83 -8.53 23.48
C SER A 47 -11.99 -8.40 22.50
C SER A 47 -11.99 -8.40 22.50
N TRP A 48 -12.82 -9.43 22.43
CA TRP A 48 -13.90 -9.50 21.44
C TRP A 48 -15.20 -9.01 22.06
N GLY A 49 -15.67 -7.87 21.57
CA GLY A 49 -16.96 -7.30 21.94
C GLY A 49 -18.09 -7.95 21.19
N ASN A 50 -19.28 -7.39 21.37
CA ASN A 50 -20.51 -8.02 20.92
C ASN A 50 -20.98 -7.42 19.59
N GLN A 51 -21.00 -8.24 18.55
CA GLN A 51 -21.43 -7.76 17.24
C GLN A 51 -22.93 -7.40 17.21
N ASP A 52 -23.72 -7.85 18.19
CA ASP A 52 -25.15 -7.55 18.21
C ASP A 52 -25.44 -6.06 18.32
N ASP A 53 -24.47 -5.24 18.72
CA ASP A 53 -24.65 -3.81 18.72
C ASP A 53 -24.71 -3.19 17.33
N TYR A 54 -24.41 -3.93 16.28
CA TYR A 54 -24.32 -3.38 14.95
C TYR A 54 -25.42 -3.91 14.07
N GLN A 55 -26.04 -3.04 13.33
CA GLN A 55 -27.03 -3.36 12.30
C GLN A 55 -26.41 -3.17 10.93
N LEU A 56 -26.36 -4.24 10.15
CA LEU A 56 -25.81 -4.15 8.78
C LEU A 56 -26.83 -3.48 7.87
N VAL A 57 -26.36 -2.53 7.09
CA VAL A 57 -27.20 -1.73 6.21
C VAL A 57 -27.06 -2.12 4.76
N ARG A 58 -25.82 -2.30 4.31
CA ARG A 58 -25.59 -2.65 2.91
C ARG A 58 -24.22 -3.29 2.76
N LYS A 59 -24.10 -4.19 1.80
CA LYS A 59 -22.82 -4.76 1.45
C LYS A 59 -22.02 -3.76 0.65
N LEU A 60 -20.75 -3.60 1.00
CA LEU A 60 -19.83 -2.69 0.30
C LEU A 60 -18.83 -3.38 -0.56
N GLY A 61 -18.49 -4.61 -0.25
CA GLY A 61 -17.44 -5.29 -0.98
C GLY A 61 -17.22 -6.68 -0.43
N ARG A 62 -16.54 -7.49 -1.22
CA ARG A 62 -16.19 -8.84 -0.81
C ARG A 62 -14.77 -9.14 -1.30
N GLY A 63 -14.00 -9.82 -0.45
CA GLY A 63 -12.65 -10.31 -0.79
C GLY A 63 -12.60 -11.79 -0.52
N LYS A 64 -11.41 -12.37 -0.69
CA LYS A 64 -11.37 -13.82 -0.55
C LYS A 64 -11.50 -14.28 0.88
N TYR A 65 -11.19 -13.45 1.90
CA TYR A 65 -11.32 -13.90 3.29
C TYR A 65 -12.18 -12.96 4.12
N SER A 66 -13.00 -12.11 3.48
CA SER A 66 -13.75 -11.11 4.24
C SER A 66 -14.84 -10.52 3.37
N GLU A 67 -15.84 -9.90 4.00
CA GLU A 67 -16.81 -9.07 3.33
C GLU A 67 -17.00 -7.85 4.21
N VAL A 68 -17.25 -6.71 3.57
CA VAL A 68 -17.41 -5.45 4.24
C VAL A 68 -18.82 -4.94 4.02
N PHE A 69 -19.35 -4.37 5.08
CA PHE A 69 -20.70 -3.83 5.14
C PHE A 69 -20.69 -2.42 5.74
N GLU A 70 -21.55 -1.56 5.24
CA GLU A 70 -21.94 -0.38 6.00
C GLU A 70 -22.83 -0.84 7.12
N ALA A 71 -22.68 -0.27 8.30
CA ALA A 71 -23.49 -0.64 9.47
C ALA A 71 -23.75 0.57 10.32
N ILE A 72 -24.68 0.41 11.24
CA ILE A 72 -24.98 1.40 12.27
C ILE A 72 -24.81 0.74 13.64
N ASN A 73 -24.09 1.41 14.54
CA ASN A 73 -24.08 0.99 15.93
C ASN A 73 -25.38 1.46 16.57
N ILE A 74 -26.22 0.51 16.95
CA ILE A 74 -27.56 0.84 17.41
C ILE A 74 -27.54 1.53 18.76
N THR A 75 -26.42 1.45 19.48
CA THR A 75 -26.34 2.08 20.79
C THR A 75 -26.05 3.58 20.73
N ASN A 76 -25.47 4.06 19.65
CA ASN A 76 -25.06 5.46 19.57
C ASN A 76 -25.31 6.05 18.20
N ASN A 77 -25.93 5.30 17.28
CA ASN A 77 -26.23 5.73 15.94
C ASN A 77 -25.02 6.02 15.06
N GLU A 78 -23.86 5.55 15.42
N GLU A 78 -23.85 5.57 15.44
CA GLU A 78 -22.68 5.85 14.61
CA GLU A 78 -22.67 5.81 14.62
C GLU A 78 -22.65 4.94 13.39
C GLU A 78 -22.73 4.95 13.36
N ARG A 79 -22.39 5.52 12.23
CA ARG A 79 -22.20 4.77 11.00
C ARG A 79 -20.76 4.27 10.94
N VAL A 80 -20.58 2.98 10.63
CA VAL A 80 -19.30 2.32 10.65
C VAL A 80 -19.21 1.40 9.44
N VAL A 81 -18.05 0.77 9.25
CA VAL A 81 -17.86 -0.35 8.35
C VAL A 81 -17.57 -1.57 9.19
N VAL A 82 -18.27 -2.67 8.92
CA VAL A 82 -18.04 -3.96 9.58
C VAL A 82 -17.42 -4.88 8.55
N LYS A 83 -16.28 -5.46 8.89
CA LYS A 83 -15.56 -6.42 8.05
C LYS A 83 -15.67 -7.79 8.72
N ILE A 84 -16.47 -8.67 8.14
CA ILE A 84 -16.72 -9.99 8.69
C ILE A 84 -15.67 -10.91 8.10
N LEU A 85 -14.93 -11.56 8.98
CA LEU A 85 -13.79 -12.36 8.58
C LEU A 85 -14.15 -13.84 8.52
N LYS A 86 -13.75 -14.47 7.46
CA LYS A 86 -13.89 -15.94 7.42
C LYS A 86 -13.03 -16.56 8.52
N PRO A 87 -13.64 -17.22 9.53
CA PRO A 87 -12.93 -17.45 10.82
C PRO A 87 -11.81 -18.49 10.78
N VAL A 88 -11.64 -19.25 9.69
CA VAL A 88 -10.62 -20.32 9.68
C VAL A 88 -9.19 -19.77 9.80
N LYS A 89 -9.02 -18.48 9.58
CA LYS A 89 -7.68 -17.90 9.40
C LYS A 89 -7.18 -17.30 10.72
N LYS A 90 -7.00 -18.14 11.77
CA LYS A 90 -6.79 -17.62 13.12
C LYS A 90 -5.52 -16.78 13.23
N LYS A 91 -4.40 -17.29 12.72
CA LYS A 91 -3.14 -16.57 12.80
C LYS A 91 -3.23 -15.25 12.05
N LYS A 92 -3.84 -15.29 10.87
CA LYS A 92 -3.96 -14.09 10.03
C LYS A 92 -4.89 -13.07 10.66
N ILE A 93 -5.91 -13.53 11.38
CA ILE A 93 -6.79 -12.63 12.10
C ILE A 93 -6.02 -11.91 13.20
N LYS A 94 -5.26 -12.67 14.02
CA LYS A 94 -4.46 -12.05 15.07
C LYS A 94 -3.48 -11.04 14.48
N ARG A 95 -2.87 -11.37 13.33
CA ARG A 95 -1.92 -10.49 12.70
C ARG A 95 -2.57 -9.16 12.36
N GLU A 96 -3.71 -9.21 11.66
CA GLU A 96 -4.37 -7.97 11.26
C GLU A 96 -4.81 -7.17 12.46
N VAL A 97 -5.38 -7.84 13.46
CA VAL A 97 -5.83 -7.15 14.66
C VAL A 97 -4.67 -6.46 15.39
N LYS A 98 -3.57 -7.20 15.60
CA LYS A 98 -2.45 -6.64 16.34
C LYS A 98 -1.84 -5.46 15.57
N ILE A 99 -1.70 -5.60 14.24
CA ILE A 99 -1.21 -4.49 13.43
C ILE A 99 -2.10 -3.28 13.57
N LEU A 100 -3.41 -3.47 13.46
CA LEU A 100 -4.31 -2.32 13.57
C LEU A 100 -4.24 -1.68 14.95
N GLU A 101 -4.09 -2.49 16.01
CA GLU A 101 -3.93 -1.93 17.35
C GLU A 101 -2.65 -1.13 17.46
N ASN A 102 -1.58 -1.67 16.91
CA ASN A 102 -0.30 -0.97 16.96
C ASN A 102 -0.33 0.36 16.21
N LEU A 103 -1.16 0.44 15.16
CA LEU A 103 -1.29 1.63 14.32
C LEU A 103 -2.31 2.63 14.82
N ARG A 104 -2.92 2.37 15.98
CA ARG A 104 -3.95 3.23 16.52
C ARG A 104 -3.49 4.68 16.58
N GLY A 105 -4.38 5.56 16.12
CA GLY A 105 -4.05 6.96 16.07
C GLY A 105 -3.14 7.39 14.93
N GLY A 106 -2.62 6.48 14.11
CA GLY A 106 -1.74 6.86 13.01
C GLY A 106 -2.45 7.69 11.98
N THR A 107 -1.71 8.64 11.45
CA THR A 107 -2.30 9.58 10.51
C THR A 107 -2.74 8.89 9.24
N ASN A 108 -4.03 9.04 8.92
CA ASN A 108 -4.56 8.53 7.68
C ASN A 108 -4.59 7.00 7.58
N ILE A 109 -4.44 6.32 8.69
CA ILE A 109 -4.67 4.88 8.75
C ILE A 109 -6.11 4.65 9.18
N ILE A 110 -6.82 3.76 8.49
CA ILE A 110 -8.19 3.50 8.89
C ILE A 110 -8.25 3.17 10.39
N LYS A 111 -9.21 3.80 11.07
CA LYS A 111 -9.36 3.63 12.52
C LYS A 111 -10.17 2.38 12.83
N LEU A 112 -9.56 1.44 13.54
CA LEU A 112 -10.24 0.28 14.10
C LEU A 112 -10.96 0.77 15.36
N ILE A 113 -12.29 0.75 15.33
CA ILE A 113 -13.16 1.11 16.47
C ILE A 113 -13.28 -0.04 17.44
N ASP A 114 -13.47 -1.26 16.97
CA ASP A 114 -13.59 -2.40 17.86
C ASP A 114 -13.38 -3.69 17.11
N THR A 115 -13.13 -4.74 17.90
CA THR A 115 -13.02 -6.11 17.48
C THR A 115 -14.19 -6.83 18.13
N VAL A 116 -15.08 -7.42 17.34
CA VAL A 116 -16.30 -8.01 17.86
C VAL A 116 -16.50 -9.42 17.30
N LYS A 117 -17.36 -10.18 17.97
CA LYS A 117 -17.76 -11.47 17.49
C LYS A 117 -19.27 -11.58 17.55
N ASP A 118 -19.83 -12.32 16.62
CA ASP A 118 -21.18 -12.88 16.77
C ASP A 118 -21.13 -13.70 18.06
N PRO A 119 -21.96 -13.39 19.07
CA PRO A 119 -21.79 -14.05 20.38
C PRO A 119 -22.18 -15.52 20.39
N VAL A 120 -22.84 -16.01 19.35
CA VAL A 120 -23.19 -17.40 19.25
C VAL A 120 -22.19 -18.18 18.38
N SER A 121 -21.95 -17.73 17.14
CA SER A 121 -21.05 -18.45 16.24
C SER A 121 -19.59 -18.21 16.59
N LYS A 122 -19.31 -17.11 17.26
CA LYS A 122 -17.95 -16.63 17.54
C LYS A 122 -17.19 -16.20 16.28
N THR A 123 -17.85 -16.04 15.11
CA THR A 123 -17.18 -15.48 13.93
C THR A 123 -16.73 -14.08 14.23
N PRO A 124 -15.48 -13.74 13.95
CA PRO A 124 -14.98 -12.42 14.30
C PRO A 124 -15.21 -11.40 13.21
N ALA A 125 -15.25 -10.14 13.61
CA ALA A 125 -15.42 -9.04 12.70
C ALA A 125 -14.67 -7.84 13.25
N LEU A 126 -14.25 -6.99 12.32
CA LEU A 126 -13.58 -5.75 12.65
C LEU A 126 -14.51 -4.59 12.34
N VAL A 127 -14.55 -3.60 13.23
CA VAL A 127 -15.39 -2.42 13.06
C VAL A 127 -14.47 -1.25 12.82
N PHE A 128 -14.68 -0.57 11.70
CA PHE A 128 -13.89 0.57 11.29
C PHE A 128 -14.72 1.83 11.22
N GLU A 129 -14.05 2.98 11.34
CA GLU A 129 -14.68 4.23 10.98
C GLU A 129 -15.20 4.18 9.54
N TYR A 130 -16.30 4.90 9.35
CA TYR A 130 -16.89 5.05 8.02
C TYR A 130 -16.12 6.16 7.31
N ILE A 131 -15.89 6.02 5.99
CA ILE A 131 -15.35 7.07 5.13
C ILE A 131 -16.17 7.05 3.85
N ASN A 132 -16.55 8.20 3.38
CA ASN A 132 -17.05 8.25 2.04
C ASN A 132 -15.93 7.85 1.04
N ASN A 133 -16.28 7.02 0.11
CA ASN A 133 -15.36 6.48 -0.90
C ASN A 133 -15.74 7.16 -2.22
N THR A 134 -14.95 8.08 -2.71
CA THR A 134 -15.08 8.57 -4.06
C THR A 134 -14.42 7.55 -4.99
N ASP A 135 -15.19 7.01 -5.91
CA ASP A 135 -14.76 5.96 -6.81
C ASP A 135 -13.47 6.38 -7.49
N PHE A 136 -12.44 5.55 -7.35
CA PHE A 136 -11.17 6.00 -7.83
C PHE A 136 -11.10 6.08 -9.35
N LYS A 137 -11.78 5.19 -10.08
CA LYS A 137 -11.62 5.22 -11.52
C LYS A 137 -12.07 6.57 -12.06
N GLN A 138 -13.21 7.05 -11.55
CA GLN A 138 -13.70 8.35 -11.97
C GLN A 138 -12.85 9.48 -11.40
N LEU A 139 -12.48 9.40 -10.11
CA LEU A 139 -11.69 10.47 -9.52
C LEU A 139 -10.38 10.69 -10.25
N TYR A 140 -9.68 9.60 -10.61
CA TYR A 140 -8.30 9.75 -11.11
C TYR A 140 -8.26 10.39 -12.50
N GLN A 141 -9.42 10.56 -13.14
CA GLN A 141 -9.47 11.27 -14.40
C GLN A 141 -9.76 12.75 -14.24
N ILE A 142 -10.06 13.23 -13.02
CA ILE A 142 -10.40 14.64 -12.81
C ILE A 142 -9.59 15.33 -11.71
N LEU A 143 -8.59 14.67 -11.17
CA LEU A 143 -7.74 15.32 -10.18
C LEU A 143 -6.97 16.50 -10.81
N THR A 144 -6.80 17.60 -10.05
CA THR A 144 -5.87 18.67 -10.43
C THR A 144 -4.45 18.33 -9.99
N ASP A 145 -3.49 19.13 -10.47
CA ASP A 145 -2.11 18.98 -10.04
C ASP A 145 -2.00 19.07 -8.53
N PHE A 146 -2.61 20.09 -7.93
CA PHE A 146 -2.54 20.24 -6.49
C PHE A 146 -3.23 19.07 -5.81
N ASP A 147 -4.37 18.58 -6.32
CA ASP A 147 -5.02 17.45 -5.67
C ASP A 147 -4.09 16.24 -5.59
N ILE A 148 -3.38 15.95 -6.69
CA ILE A 148 -2.47 14.78 -6.69
C ILE A 148 -1.40 14.96 -5.64
N ARG A 149 -0.79 16.14 -5.61
CA ARG A 149 0.23 16.41 -4.61
C ARG A 149 -0.35 16.22 -3.21
N PHE A 150 -1.54 16.76 -2.99
CA PHE A 150 -2.19 16.69 -1.68
C PHE A 150 -2.46 15.26 -1.26
N TYR A 151 -3.12 14.49 -2.13
CA TYR A 151 -3.46 13.13 -1.76
C TYR A 151 -2.25 12.23 -1.63
N MET A 152 -1.27 12.39 -2.52
CA MET A 152 -0.04 11.61 -2.37
C MET A 152 0.66 11.92 -1.05
N TYR A 153 0.67 13.21 -0.65
CA TYR A 153 1.26 13.58 0.62
C TYR A 153 0.52 12.93 1.79
N GLU A 154 -0.80 12.92 1.73
CA GLU A 154 -1.60 12.29 2.78
C GLU A 154 -1.34 10.78 2.84
N LEU A 155 -1.21 10.12 1.68
CA LEU A 155 -0.91 8.70 1.66
C LEU A 155 0.48 8.42 2.22
N LEU A 156 1.44 9.28 1.87
CA LEU A 156 2.78 9.14 2.41
C LEU A 156 2.80 9.29 3.92
N LYS A 157 1.93 10.14 4.51
CA LYS A 157 1.88 10.20 5.96
C LYS A 157 1.54 8.84 6.54
N ALA A 158 0.56 8.16 5.94
CA ALA A 158 0.16 6.84 6.43
C ALA A 158 1.28 5.82 6.30
N LEU A 159 1.98 5.83 5.17
CA LEU A 159 3.07 4.87 4.96
C LEU A 159 4.26 5.17 5.85
N ASP A 160 4.67 6.43 5.96
CA ASP A 160 5.73 6.72 6.90
C ASP A 160 5.34 6.28 8.31
N TYR A 161 4.09 6.49 8.68
CA TYR A 161 3.67 6.08 10.02
C TYR A 161 3.77 4.58 10.18
N CYS A 162 3.17 3.80 9.27
CA CYS A 162 3.21 2.35 9.48
C CYS A 162 4.63 1.80 9.39
N HIS A 163 5.45 2.30 8.46
CA HIS A 163 6.83 1.88 8.40
C HIS A 163 7.55 2.21 9.70
N SER A 164 7.29 3.39 10.27
CA SER A 164 7.92 3.78 11.53
C SER A 164 7.49 2.87 12.69
N LYS A 165 6.33 2.25 12.53
N LYS A 165 6.34 2.23 12.54
CA LYS A 165 5.76 1.28 13.44
CA LYS A 165 5.81 1.28 13.48
C LYS A 165 6.13 -0.16 13.06
C LYS A 165 6.22 -0.15 13.15
N GLY A 166 7.12 -0.33 12.20
CA GLY A 166 7.66 -1.63 11.90
C GLY A 166 6.80 -2.49 11.01
N ILE A 167 5.89 -1.89 10.26
CA ILE A 167 4.88 -2.62 9.51
C ILE A 167 4.93 -2.22 8.03
N MET A 168 4.92 -3.25 7.18
CA MET A 168 4.77 -3.11 5.73
C MET A 168 3.30 -3.40 5.38
N HIS A 169 2.68 -2.55 4.58
CA HIS A 169 1.28 -2.76 4.20
C HIS A 169 1.13 -3.93 3.21
N ARG A 170 1.95 -3.90 2.16
CA ARG A 170 2.04 -4.97 1.18
C ARG A 170 0.82 -5.09 0.24
N ASP A 171 -0.08 -4.13 0.26
CA ASP A 171 -1.21 -4.17 -0.66
C ASP A 171 -1.67 -2.76 -1.00
N VAL A 172 -0.72 -1.86 -1.24
CA VAL A 172 -1.06 -0.49 -1.61
C VAL A 172 -1.55 -0.50 -3.05
N LYS A 173 -2.73 0.07 -3.27
CA LYS A 173 -3.36 0.13 -4.58
C LYS A 173 -4.55 1.08 -4.44
N PRO A 174 -5.10 1.56 -5.55
CA PRO A 174 -6.21 2.54 -5.46
C PRO A 174 -7.37 2.07 -4.61
N HIS A 175 -7.78 0.80 -4.72
CA HIS A 175 -8.91 0.36 -3.94
C HIS A 175 -8.66 0.51 -2.44
N ASN A 176 -7.41 0.32 -2.00
CA ASN A 176 -7.07 0.40 -0.60
C ASN A 176 -6.72 1.81 -0.11
N VAL A 177 -6.81 2.80 -0.97
CA VAL A 177 -6.53 4.21 -0.65
C VAL A 177 -7.87 4.93 -0.80
N MET A 178 -8.71 4.88 0.26
N MET A 178 -8.65 4.99 0.25
CA MET A 178 -10.04 5.48 0.26
CA MET A 178 -10.02 5.48 0.18
C MET A 178 -9.89 6.98 0.32
C MET A 178 -10.01 6.98 0.36
N ILE A 179 -10.47 7.68 -0.65
CA ILE A 179 -10.46 9.14 -0.70
C ILE A 179 -11.88 9.63 -0.66
N ASP A 180 -12.17 10.47 0.31
CA ASP A 180 -13.40 11.27 0.39
C ASP A 180 -13.06 12.62 -0.22
N HIS A 181 -13.40 12.79 -1.49
CA HIS A 181 -13.02 13.99 -2.20
C HIS A 181 -13.90 15.17 -1.80
N GLN A 182 -14.99 14.95 -1.10
CA GLN A 182 -15.79 16.05 -0.57
C GLN A 182 -15.08 16.71 0.60
N GLN A 183 -14.70 15.91 1.60
CA GLN A 183 -14.07 16.38 2.83
C GLN A 183 -12.53 16.41 2.75
N LYS A 184 -11.94 15.96 1.63
CA LYS A 184 -10.49 15.94 1.44
C LYS A 184 -9.83 15.10 2.53
N LYS A 185 -10.34 13.85 2.66
CA LYS A 185 -9.89 12.89 3.64
C LYS A 185 -9.37 11.67 2.90
N LEU A 186 -8.37 11.05 3.44
CA LEU A 186 -7.80 9.83 2.86
C LEU A 186 -7.55 8.83 3.97
N ARG A 187 -7.88 7.56 3.72
CA ARG A 187 -7.52 6.50 4.64
C ARG A 187 -6.95 5.32 3.89
N LEU A 188 -5.84 4.79 4.41
CA LEU A 188 -5.25 3.53 3.93
C LEU A 188 -5.92 2.39 4.68
N ILE A 189 -6.60 1.54 3.92
CA ILE A 189 -7.41 0.45 4.45
C ILE A 189 -6.79 -0.91 4.12
N ASP A 190 -7.44 -1.93 4.66
CA ASP A 190 -7.21 -3.34 4.42
C ASP A 190 -5.77 -3.77 4.72
N TRP A 191 -5.55 -3.95 6.02
CA TRP A 191 -4.29 -4.36 6.60
C TRP A 191 -4.19 -5.89 6.68
N GLY A 192 -5.03 -6.62 5.93
CA GLY A 192 -5.02 -8.06 5.97
C GLY A 192 -3.79 -8.72 5.38
N LEU A 193 -3.02 -8.04 4.54
CA LEU A 193 -1.78 -8.56 4.02
C LEU A 193 -0.55 -7.97 4.72
N ALA A 194 -0.74 -7.06 5.65
CA ALA A 194 0.37 -6.38 6.28
C ALA A 194 1.18 -7.33 7.15
N GLU A 195 2.46 -7.01 7.31
CA GLU A 195 3.38 -7.82 8.08
C GLU A 195 4.37 -6.93 8.83
N PHE A 196 4.94 -7.51 9.88
CA PHE A 196 6.03 -6.87 10.63
C PHE A 196 7.34 -7.10 9.90
N TYR A 197 8.15 -6.04 9.78
CA TYR A 197 9.48 -6.13 9.18
C TYR A 197 10.52 -6.50 10.24
N HIS A 198 11.28 -7.52 9.92
CA HIS A 198 12.40 -7.99 10.75
C HIS A 198 13.59 -8.17 9.80
N PRO A 199 14.75 -7.59 10.10
CA PRO A 199 15.88 -7.68 9.18
C PRO A 199 16.24 -9.11 8.88
N ALA A 200 16.49 -9.36 7.59
CA ALA A 200 16.92 -10.65 7.06
C ALA A 200 15.77 -11.64 6.95
N GLN A 201 14.56 -11.28 7.36
CA GLN A 201 13.48 -12.24 7.23
C GLN A 201 13.10 -12.38 5.78
N GLU A 202 12.80 -13.62 5.41
CA GLU A 202 12.30 -13.95 4.08
C GLU A 202 10.78 -14.00 4.10
N TYR A 203 10.17 -13.20 3.26
CA TYR A 203 8.74 -13.04 3.19
C TYR A 203 8.17 -13.69 1.94
N ASN A 204 6.88 -13.99 2.03
CA ASN A 204 6.13 -14.53 0.89
C ASN A 204 6.04 -13.46 -0.19
N VAL A 205 6.38 -13.81 -1.44
CA VAL A 205 6.27 -12.86 -2.52
C VAL A 205 4.87 -12.79 -3.09
N ARG A 206 3.94 -13.64 -2.65
CA ARG A 206 2.55 -13.62 -3.12
C ARG A 206 1.75 -12.62 -2.28
N VAL A 207 2.09 -11.35 -2.46
CA VAL A 207 1.41 -10.21 -1.85
C VAL A 207 1.24 -9.17 -2.93
N ALA A 208 0.44 -8.14 -2.60
CA ALA A 208 0.06 -7.03 -3.46
C ALA A 208 -0.75 -7.45 -4.69
N SER A 209 -1.51 -6.49 -5.28
N SER A 209 -1.38 -6.56 -5.30
CA SER A 209 -2.16 -6.65 -6.59
CA SER A 209 -2.13 -6.98 -6.45
C SER A 209 -1.11 -6.76 -7.68
C SER A 209 -1.27 -6.71 -7.69
N ARG A 210 -1.39 -7.57 -8.71
CA ARG A 210 -0.48 -7.69 -9.84
C ARG A 210 0.11 -6.36 -10.27
N TYR A 211 -0.73 -5.36 -10.52
CA TYR A 211 -0.26 -4.14 -11.15
C TYR A 211 0.64 -3.32 -10.25
N PHE A 212 0.62 -3.63 -8.94
CA PHE A 212 1.31 -2.87 -7.92
C PHE A 212 2.46 -3.67 -7.29
N LYS A 213 2.72 -4.87 -7.79
CA LYS A 213 3.81 -5.70 -7.29
C LYS A 213 5.15 -5.10 -7.71
N GLY A 214 6.06 -4.94 -6.74
CA GLY A 214 7.38 -4.50 -7.07
C GLY A 214 8.14 -5.57 -7.83
N PRO A 215 9.19 -5.14 -8.56
CA PRO A 215 10.03 -6.12 -9.27
C PRO A 215 10.58 -7.18 -8.38
N GLU A 216 10.89 -6.84 -7.12
CA GLU A 216 11.39 -7.83 -6.18
C GLU A 216 10.44 -9.01 -6.06
N LEU A 217 9.14 -8.75 -6.00
CA LEU A 217 8.17 -9.84 -5.88
C LEU A 217 8.17 -10.66 -7.15
N LEU A 218 8.22 -9.98 -8.30
CA LEU A 218 8.08 -10.64 -9.59
C LEU A 218 9.26 -11.52 -9.90
N VAL A 219 10.42 -11.24 -9.31
CA VAL A 219 11.63 -12.05 -9.47
C VAL A 219 11.88 -12.96 -8.28
N ASP A 220 10.90 -13.13 -7.41
CA ASP A 220 10.94 -14.08 -6.30
C ASP A 220 12.02 -13.76 -5.29
N TYR A 221 12.25 -12.48 -5.06
CA TYR A 221 13.21 -12.04 -4.04
C TYR A 221 12.47 -11.83 -2.72
N GLN A 222 12.77 -12.66 -1.74
CA GLN A 222 12.00 -12.72 -0.52
C GLN A 222 12.47 -11.76 0.56
N MET A 223 13.66 -11.21 0.44
CA MET A 223 14.24 -10.37 1.50
C MET A 223 13.91 -8.90 1.29
N TYR A 224 12.60 -8.63 1.10
CA TYR A 224 12.10 -7.28 0.83
C TYR A 224 11.74 -6.56 2.12
N ASP A 225 11.34 -5.30 1.95
CA ASP A 225 11.10 -4.46 3.13
C ASP A 225 10.03 -3.42 2.82
N TYR A 226 9.93 -2.38 3.65
CA TYR A 226 8.98 -1.27 3.49
C TYR A 226 9.00 -0.69 2.08
N SER A 227 10.16 -0.72 1.44
CA SER A 227 10.33 -0.17 0.11
C SER A 227 9.41 -0.81 -0.93
N LEU A 228 8.86 -2.00 -0.67
CA LEU A 228 7.84 -2.56 -1.55
C LEU A 228 6.66 -1.61 -1.67
N ASP A 229 6.24 -1.02 -0.54
CA ASP A 229 5.10 -0.11 -0.55
C ASP A 229 5.40 1.15 -1.35
N MET A 230 6.67 1.56 -1.40
CA MET A 230 7.08 2.74 -2.14
C MET A 230 7.03 2.50 -3.65
N TRP A 231 7.32 1.28 -4.10
CA TRP A 231 7.05 0.94 -5.49
C TRP A 231 5.57 1.11 -5.79
N SER A 232 4.71 0.50 -4.97
CA SER A 232 3.28 0.59 -5.21
C SER A 232 2.80 2.04 -5.25
N LEU A 233 3.29 2.85 -4.32
CA LEU A 233 2.96 4.27 -4.30
C LEU A 233 3.42 4.93 -5.61
N GLY A 234 4.64 4.65 -6.05
CA GLY A 234 5.12 5.16 -7.34
C GLY A 234 4.20 4.79 -8.48
N CYS A 235 3.69 3.56 -8.49
CA CYS A 235 2.76 3.15 -9.55
C CYS A 235 1.51 4.00 -9.49
N MET A 236 1.02 4.29 -8.28
CA MET A 236 -0.17 5.15 -8.14
C MET A 236 0.12 6.57 -8.60
N LEU A 237 1.28 7.12 -8.24
CA LEU A 237 1.65 8.46 -8.68
C LEU A 237 1.69 8.53 -10.21
N ALA A 238 2.32 7.55 -10.84
CA ALA A 238 2.40 7.52 -12.30
C ALA A 238 1.00 7.50 -12.90
N SER A 239 0.11 6.68 -12.36
CA SER A 239 -1.23 6.62 -12.90
C SER A 239 -1.99 7.94 -12.76
N MET A 240 -1.75 8.65 -11.66
CA MET A 240 -2.42 9.92 -11.46
C MET A 240 -1.89 11.02 -12.38
N ILE A 241 -0.57 11.18 -12.45
CA ILE A 241 -0.04 12.29 -13.25
C ILE A 241 -0.15 12.01 -14.74
N PHE A 242 -0.12 10.73 -15.15
CA PHE A 242 -0.16 10.40 -16.57
C PHE A 242 -1.55 10.00 -17.04
N ARG A 243 -2.48 9.70 -16.13
N ARG A 243 -2.43 9.60 -16.12
CA ARG A 243 -3.81 9.22 -16.51
CA ARG A 243 -3.82 9.23 -16.35
C ARG A 243 -3.72 7.95 -17.36
C ARG A 243 -3.96 7.83 -16.95
N ARG A 244 -2.88 7.03 -16.96
CA ARG A 244 -2.90 5.65 -17.41
C ARG A 244 -3.04 4.79 -16.16
N GLU A 245 -4.21 4.19 -15.98
CA GLU A 245 -4.55 3.50 -14.73
C GLU A 245 -5.06 2.11 -15.08
N PRO A 246 -4.45 1.04 -14.56
CA PRO A 246 -3.12 1.04 -13.87
C PRO A 246 -2.03 1.40 -14.85
N PHE A 247 -0.89 1.86 -14.29
CA PHE A 247 0.20 2.31 -15.12
C PHE A 247 0.92 1.16 -15.80
N PHE A 248 1.20 0.10 -15.08
CA PHE A 248 1.86 -1.10 -15.61
C PHE A 248 0.82 -2.22 -15.62
N HIS A 249 0.26 -2.53 -16.80
CA HIS A 249 -0.91 -3.38 -16.89
C HIS A 249 -0.56 -4.76 -17.41
N GLY A 250 0.08 -5.56 -16.57
CA GLY A 250 0.45 -6.91 -16.97
C GLY A 250 -0.75 -7.81 -17.11
N GLN A 251 -0.65 -8.79 -17.99
CA GLN A 251 -1.68 -9.81 -18.14
C GLN A 251 -1.55 -10.97 -17.17
N ASP A 252 -0.37 -11.13 -16.59
CA ASP A 252 -0.04 -12.17 -15.61
C ASP A 252 1.23 -11.68 -14.93
N ASN A 253 1.75 -12.43 -13.95
CA ASN A 253 2.92 -11.94 -13.21
C ASN A 253 4.16 -11.87 -14.07
N TYR A 254 4.29 -12.76 -15.05
CA TYR A 254 5.44 -12.71 -15.94
C TYR A 254 5.34 -11.45 -16.78
N ASP A 255 4.20 -11.27 -17.42
CA ASP A 255 4.02 -10.10 -18.26
C ASP A 255 4.13 -8.81 -17.45
N GLN A 256 3.78 -8.82 -16.16
CA GLN A 256 3.93 -7.64 -15.35
C GLN A 256 5.37 -7.16 -15.35
N LEU A 257 6.34 -8.08 -15.19
CA LEU A 257 7.73 -7.67 -15.20
C LEU A 257 8.14 -7.17 -16.59
N VAL A 258 7.64 -7.80 -17.65
CA VAL A 258 7.95 -7.32 -19.01
C VAL A 258 7.44 -5.88 -19.18
N ARG A 259 6.23 -5.58 -18.69
CA ARG A 259 5.74 -4.21 -18.81
C ARG A 259 6.62 -3.21 -18.08
N ILE A 260 7.12 -3.60 -16.90
CA ILE A 260 8.05 -2.74 -16.18
C ILE A 260 9.35 -2.56 -16.96
N ALA A 261 9.91 -3.66 -17.48
CA ALA A 261 11.20 -3.60 -18.16
C ALA A 261 11.14 -2.81 -19.46
N LYS A 262 9.97 -2.75 -20.08
CA LYS A 262 9.81 -1.93 -21.28
C LYS A 262 9.92 -0.45 -20.97
N VAL A 263 9.77 -0.04 -19.71
CA VAL A 263 9.96 1.33 -19.29
C VAL A 263 11.31 1.55 -18.62
N LEU A 264 11.65 0.73 -17.63
CA LEU A 264 12.88 0.91 -16.87
C LEU A 264 14.12 0.36 -17.55
N GLY A 265 13.95 -0.53 -18.52
CA GLY A 265 15.03 -1.11 -19.29
C GLY A 265 15.47 -2.49 -18.83
N THR A 266 15.90 -3.30 -19.77
CA THR A 266 16.35 -4.66 -19.47
C THR A 266 17.76 -4.71 -18.90
N GLU A 267 18.72 -3.99 -19.47
CA GLU A 267 20.08 -4.00 -18.88
C GLU A 267 20.02 -3.55 -17.42
N GLU A 268 19.16 -2.60 -17.16
CA GLU A 268 18.98 -2.10 -15.81
C GLU A 268 18.40 -3.17 -14.90
N LEU A 269 17.44 -3.95 -15.39
CA LEU A 269 16.94 -5.09 -14.61
C LEU A 269 18.07 -6.07 -14.26
N TYR A 270 18.88 -6.41 -15.25
CA TYR A 270 19.92 -7.42 -15.03
C TYR A 270 20.97 -6.91 -14.03
N GLY A 271 21.24 -5.60 -14.01
CA GLY A 271 22.15 -5.05 -13.03
C GLY A 271 21.61 -5.16 -11.62
N TYR A 272 20.30 -4.96 -11.46
CA TYR A 272 19.64 -5.14 -10.17
C TYR A 272 19.75 -6.59 -9.73
N LEU A 273 19.44 -7.53 -10.62
CA LEU A 273 19.51 -8.94 -10.25
C LEU A 273 20.93 -9.29 -9.82
N LYS A 274 21.92 -8.78 -10.53
CA LYS A 274 23.32 -9.10 -10.23
C LYS A 274 23.70 -8.60 -8.84
N LYS A 275 23.27 -7.39 -8.53
CA LYS A 275 23.63 -6.78 -7.27
C LYS A 275 23.18 -7.63 -6.10
N TYR A 276 21.97 -8.19 -6.19
CA TYR A 276 21.36 -8.94 -5.11
C TYR A 276 21.45 -10.44 -5.29
N HIS A 277 22.17 -10.88 -6.29
CA HIS A 277 22.39 -12.30 -6.54
C HIS A 277 21.06 -13.01 -6.73
N ILE A 278 20.21 -12.45 -7.59
CA ILE A 278 18.87 -12.94 -7.74
C ILE A 278 18.80 -13.82 -8.91
N ASP A 279 18.28 -15.03 -8.70
CA ASP A 279 18.01 -15.97 -9.79
C ASP A 279 16.72 -15.64 -10.52
N LEU A 280 16.81 -15.57 -11.82
CA LEU A 280 15.65 -15.27 -12.69
C LEU A 280 15.03 -16.53 -13.29
N ASP A 281 13.72 -16.71 -13.08
CA ASP A 281 12.99 -17.85 -13.63
C ASP A 281 13.25 -17.90 -15.12
N PRO A 282 13.63 -19.06 -15.66
CA PRO A 282 14.03 -19.11 -17.06
C PRO A 282 12.92 -18.83 -18.03
N HIS A 283 11.66 -18.86 -17.61
CA HIS A 283 10.59 -18.47 -18.52
C HIS A 283 10.70 -17.01 -18.95
N PHE A 284 11.36 -16.19 -18.17
CA PHE A 284 11.52 -14.80 -18.57
C PHE A 284 12.41 -14.64 -19.80
N ASN A 285 13.31 -15.57 -20.04
CA ASN A 285 14.25 -15.38 -21.11
C ASN A 285 13.55 -15.26 -22.46
N ASP A 286 12.40 -15.91 -22.61
CA ASP A 286 11.68 -15.93 -23.87
C ASP A 286 10.79 -14.71 -24.07
N ILE A 287 10.57 -13.87 -23.05
CA ILE A 287 9.56 -12.83 -23.12
C ILE A 287 10.10 -11.45 -22.81
N LEU A 288 11.24 -11.30 -22.15
CA LEU A 288 11.69 -9.97 -21.75
C LEU A 288 12.18 -9.13 -22.93
N GLY A 289 12.74 -9.77 -23.96
CA GLY A 289 13.28 -9.00 -25.06
C GLY A 289 14.39 -8.08 -24.61
N GLN A 290 14.60 -7.01 -25.36
CA GLN A 290 15.67 -6.05 -25.11
C GLN A 290 15.04 -4.68 -25.20
N HIS A 291 15.15 -3.91 -24.13
CA HIS A 291 14.48 -2.62 -24.07
C HIS A 291 15.37 -1.58 -23.42
N SER A 292 15.48 -0.43 -24.07
CA SER A 292 16.18 0.70 -23.47
C SER A 292 15.32 1.33 -22.36
N ARG A 293 15.98 1.93 -21.39
CA ARG A 293 15.28 2.75 -20.40
C ARG A 293 14.65 3.92 -21.13
N LYS A 294 13.40 4.17 -20.81
CA LYS A 294 12.63 5.24 -21.39
C LYS A 294 12.68 6.49 -20.52
N ARG A 295 12.70 7.65 -21.15
CA ARG A 295 12.50 8.91 -20.42
C ARG A 295 11.06 9.04 -19.97
N TRP A 296 10.88 9.49 -18.74
CA TRP A 296 9.52 9.63 -18.21
C TRP A 296 8.71 10.66 -18.98
N GLU A 297 9.38 11.61 -19.60
CA GLU A 297 8.69 12.58 -20.43
C GLU A 297 7.94 11.93 -21.60
N ASN A 298 8.30 10.69 -21.99
CA ASN A 298 7.61 9.97 -23.06
C ASN A 298 6.14 9.76 -22.79
N PHE A 299 5.73 9.82 -21.52
CA PHE A 299 4.35 9.55 -21.16
C PHE A 299 3.47 10.80 -21.17
N ILE A 300 4.07 11.97 -21.39
CA ILE A 300 3.32 13.22 -21.44
C ILE A 300 2.61 13.37 -22.78
N HIS A 301 1.37 13.80 -22.74
CA HIS A 301 0.69 14.22 -23.96
C HIS A 301 -0.35 15.25 -23.55
N SER A 302 -1.14 15.69 -24.54
CA SER A 302 -1.94 16.88 -24.30
C SER A 302 -2.94 16.63 -23.19
N GLU A 303 -3.37 15.38 -22.98
CA GLU A 303 -4.38 15.03 -21.99
C GLU A 303 -3.86 15.05 -20.54
N ASN A 304 -2.57 14.98 -20.31
CA ASN A 304 -2.02 14.93 -18.95
C ASN A 304 -0.98 16.01 -18.70
N ARG A 305 -0.72 16.91 -19.65
CA ARG A 305 0.44 17.78 -19.52
C ARG A 305 0.31 18.67 -18.29
N HIS A 306 -0.90 19.08 -17.95
CA HIS A 306 -1.11 19.96 -16.84
C HIS A 306 -0.83 19.31 -15.50
N LEU A 307 -0.72 18.01 -15.44
CA LEU A 307 -0.44 17.30 -14.18
C LEU A 307 1.04 16.96 -14.00
N VAL A 308 1.84 17.14 -15.05
CA VAL A 308 3.23 16.73 -15.09
C VAL A 308 4.10 17.97 -14.98
N SER A 309 5.12 17.90 -14.16
CA SER A 309 6.09 18.96 -13.94
C SER A 309 7.46 18.30 -13.79
N PRO A 310 8.53 19.08 -13.88
CA PRO A 310 9.86 18.48 -13.62
C PRO A 310 9.94 17.84 -12.25
N GLU A 311 9.36 18.50 -11.23
N GLU A 311 9.32 18.45 -11.27
CA GLU A 311 9.32 17.94 -9.87
CA GLU A 311 9.43 17.91 -9.92
C GLU A 311 8.64 16.58 -9.85
C GLU A 311 8.60 16.64 -9.74
N ALA A 312 7.48 16.51 -10.46
CA ALA A 312 6.74 15.26 -10.44
C ALA A 312 7.58 14.14 -11.05
N LEU A 313 8.25 14.42 -12.18
CA LEU A 313 9.02 13.40 -12.86
C LEU A 313 10.25 13.00 -12.07
N ASP A 314 10.89 13.97 -11.40
CA ASP A 314 12.04 13.66 -10.55
C ASP A 314 11.64 12.74 -9.40
N LEU A 315 10.54 13.06 -8.73
CA LEU A 315 10.03 12.20 -7.68
C LEU A 315 9.73 10.81 -8.21
N LEU A 316 8.99 10.73 -9.32
CA LEU A 316 8.59 9.44 -9.84
C LEU A 316 9.80 8.60 -10.17
N ASP A 317 10.80 9.21 -10.78
CA ASP A 317 12.02 8.51 -11.18
C ASP A 317 12.74 7.90 -9.99
N LYS A 318 12.60 8.51 -8.81
CA LYS A 318 13.24 8.07 -7.59
C LYS A 318 12.43 7.05 -6.81
N LEU A 319 11.18 6.79 -7.22
CA LEU A 319 10.30 5.77 -6.65
C LEU A 319 10.31 4.51 -7.49
N LEU A 320 10.07 4.67 -8.80
CA LEU A 320 9.99 3.54 -9.72
C LEU A 320 11.39 3.17 -10.19
N ARG A 321 12.15 2.58 -9.26
N ARG A 321 12.14 2.56 -9.27
CA ARG A 321 13.50 2.06 -9.45
CA ARG A 321 13.50 2.05 -9.47
C ARG A 321 13.46 0.57 -9.17
C ARG A 321 13.51 0.57 -9.13
N TYR A 322 14.20 -0.22 -9.95
CA TYR A 322 14.33 -1.63 -9.60
C TYR A 322 14.88 -1.81 -8.21
N ASP A 323 15.96 -1.11 -7.89
CA ASP A 323 16.72 -1.34 -6.68
C ASP A 323 15.92 -0.82 -5.49
N HIS A 324 15.27 -1.75 -4.77
CA HIS A 324 14.39 -1.41 -3.65
C HIS A 324 15.10 -0.56 -2.63
N GLN A 325 16.38 -0.79 -2.44
N GLN A 325 16.42 -0.83 -2.40
CA GLN A 325 17.11 -0.06 -1.40
CA GLN A 325 17.21 -0.05 -1.43
C GLN A 325 17.52 1.35 -1.84
C GLN A 325 17.35 1.40 -1.82
N GLN A 326 17.37 1.69 -3.13
CA GLN A 326 17.64 3.02 -3.62
C GLN A 326 16.37 3.85 -3.79
N ARG A 327 15.19 3.25 -3.74
CA ARG A 327 13.95 4.00 -3.78
C ARG A 327 13.91 4.95 -2.59
N LEU A 328 13.26 6.10 -2.79
CA LEU A 328 13.03 6.97 -1.64
C LEU A 328 12.21 6.25 -0.56
N THR A 329 12.53 6.55 0.68
CA THR A 329 11.66 6.20 1.79
C THR A 329 10.41 7.10 1.74
N ALA A 330 9.37 6.72 2.49
CA ALA A 330 8.17 7.55 2.54
C ALA A 330 8.51 8.97 3.02
N LYS A 331 9.39 9.07 4.03
CA LYS A 331 9.79 10.37 4.55
C LYS A 331 10.57 11.16 3.49
N GLU A 332 11.55 10.53 2.83
CA GLU A 332 12.28 11.23 1.78
C GLU A 332 11.34 11.72 0.69
N ALA A 333 10.37 10.91 0.32
CA ALA A 333 9.39 11.32 -0.67
C ALA A 333 8.60 12.54 -0.18
N MET A 334 8.12 12.51 1.08
CA MET A 334 7.39 13.64 1.66
C MET A 334 8.19 14.93 1.61
N GLU A 335 9.52 14.81 1.75
CA GLU A 335 10.40 15.96 1.80
C GLU A 335 10.77 16.48 0.41
N HIS A 336 10.35 15.79 -0.66
CA HIS A 336 10.71 16.18 -2.02
C HIS A 336 10.02 17.51 -2.36
N PRO A 337 10.67 18.34 -3.20
CA PRO A 337 10.04 19.59 -3.64
C PRO A 337 8.67 19.45 -4.26
N TYR A 338 8.31 18.33 -4.87
CA TYR A 338 6.97 18.18 -5.42
C TYR A 338 5.90 18.53 -4.40
N PHE A 339 6.14 18.25 -3.12
CA PHE A 339 5.14 18.50 -2.09
C PHE A 339 5.24 19.88 -1.45
N TYR A 340 6.20 20.70 -1.85
CA TYR A 340 6.32 22.02 -1.22
C TYR A 340 5.00 22.81 -1.30
N PRO A 341 4.26 22.81 -2.40
CA PRO A 341 3.00 23.56 -2.42
C PRO A 341 2.00 23.09 -1.38
N VAL A 342 2.03 21.81 -1.05
CA VAL A 342 1.12 21.26 -0.05
C VAL A 342 1.52 21.69 1.34
N VAL A 343 2.80 21.58 1.66
CA VAL A 343 3.30 21.96 2.96
C VAL A 343 3.04 23.44 3.20
N LYS A 344 3.31 24.28 2.20
CA LYS A 344 3.05 25.71 2.31
C LYS A 344 1.58 25.99 2.58
N GLU A 345 0.68 25.31 1.87
CA GLU A 345 -0.75 25.53 2.08
C GLU A 345 -1.18 25.08 3.49
N GLN A 346 -0.63 23.95 4.00
CA GLN A 346 -0.96 23.53 5.36
C GLN A 346 -0.14 24.27 6.41
N SER A 347 0.47 25.38 6.05
CA SER A 347 1.06 26.31 7.01
C SER A 347 0.41 27.69 6.90
#